data_6A5D
#
_entry.id   6A5D
#
_cell.length_a   35.212
_cell.length_b   66.516
_cell.length_c   43.686
_cell.angle_alpha   90.000
_cell.angle_beta   111.130
_cell.angle_gamma   90.000
#
_symmetry.space_group_name_H-M   'P 1 21 1'
#
loop_
_entity.id
_entity.type
_entity.pdbx_description
1 polymer 'GPI-anchored protein LLG1'
2 branched alpha-L-fucopyranose-(1-3)-[alpha-L-fucopyranose-(1-6)]2-acetamido-2-deoxy-beta-D-glucopyranose
3 water water
#
_entity_poly.entity_id   1
_entity_poly.type   'polypeptide(L)'
_entity_poly.pdbx_seq_one_letter_code
;SFISDGVFESQSLVLGRNLLQTKKTCPVNFEFMNYTIITSKCKGPKYPPKECCGAFKDFACPYTDQLNDLSSDCATTMFS
YINLYGKYPPGLFANQCKEGKEGLECPAGSQLPPETSAEVNAATTSSSRLWLTVSA
;
_entity_poly.pdbx_strand_id   A,B
#
loop_
_chem_comp.id
_chem_comp.type
_chem_comp.name
_chem_comp.formula
FUC L-saccharide, alpha linking alpha-L-fucopyranose 'C6 H12 O5'
NAG D-saccharide, beta linking 2-acetamido-2-deoxy-beta-D-glucopyranose 'C8 H15 N O6'
#
# COMPACT_ATOMS: atom_id res chain seq x y z
N LYS A 23 17.68 -19.35 -2.91
CA LYS A 23 16.76 -18.32 -3.37
C LYS A 23 17.48 -17.02 -3.75
N LYS A 24 16.93 -16.29 -4.71
CA LYS A 24 17.51 -15.01 -5.08
C LYS A 24 17.23 -13.99 -3.97
N THR A 25 18.13 -13.03 -3.84
CA THR A 25 18.00 -11.98 -2.83
C THR A 25 16.85 -11.04 -3.19
N CYS A 26 15.90 -10.89 -2.29
CA CYS A 26 14.74 -10.08 -2.59
C CYS A 26 15.19 -8.65 -2.89
N PRO A 27 14.78 -8.06 -4.02
CA PRO A 27 15.17 -6.67 -4.30
C PRO A 27 14.39 -5.61 -3.52
N VAL A 28 13.27 -5.99 -2.89
CA VAL A 28 12.51 -5.08 -2.02
C VAL A 28 13.14 -5.08 -0.64
N ASN A 29 13.42 -3.90 -0.12
CA ASN A 29 14.13 -3.77 1.17
C ASN A 29 13.14 -3.79 2.33
N PHE A 30 12.58 -4.98 2.57
CA PHE A 30 11.59 -5.12 3.61
C PHE A 30 12.12 -4.72 4.98
N GLU A 31 13.42 -4.88 5.21
CA GLU A 31 13.99 -4.57 6.52
C GLU A 31 13.67 -3.15 6.95
N PHE A 32 13.66 -2.20 6.02
CA PHE A 32 13.56 -0.79 6.33
C PHE A 32 12.25 -0.15 5.91
N MET A 33 11.26 -0.95 5.55
CA MET A 33 9.96 -0.41 5.19
C MET A 33 9.20 0.00 6.44
N ASN A 34 8.08 0.66 6.23
CA ASN A 34 7.27 1.20 7.30
C ASN A 34 6.07 0.27 7.50
N TYR A 35 6.01 -0.33 8.69
CA TYR A 35 5.00 -1.33 9.01
C TYR A 35 3.83 -0.76 9.80
N THR A 36 3.77 0.57 9.95
CA THR A 36 2.77 1.16 10.84
C THR A 36 1.35 0.94 10.33
N ILE A 37 1.15 0.83 9.01
CA ILE A 37 -0.19 0.53 8.51
C ILE A 37 -0.72 -0.76 9.14
N ILE A 38 0.15 -1.74 9.37
CA ILE A 38 -0.27 -2.98 10.02
C ILE A 38 -0.34 -2.82 11.53
N THR A 39 0.75 -2.34 12.15
CA THR A 39 0.82 -2.35 13.62
C THR A 39 -0.19 -1.40 14.26
N SER A 40 -0.55 -0.31 13.56
CA SER A 40 -1.53 0.62 14.11
C SER A 40 -2.96 0.07 14.04
N LYS A 41 -3.23 -0.82 13.07
CA LYS A 41 -4.57 -1.36 12.88
C LYS A 41 -4.78 -2.76 13.45
N CYS A 42 -3.71 -3.48 13.74
CA CYS A 42 -3.80 -4.89 14.08
C CYS A 42 -3.11 -5.12 15.42
N LYS A 43 -3.85 -5.04 16.51
CA LYS A 43 -3.26 -5.11 17.84
C LYS A 43 -3.82 -6.34 18.55
N GLY A 44 -2.93 -7.01 19.28
CA GLY A 44 -3.28 -8.21 20.04
C GLY A 44 -3.55 -7.99 21.51
N PRO A 45 -3.84 -9.08 22.23
CA PRO A 45 -3.76 -10.46 21.71
C PRO A 45 -4.99 -10.90 20.91
N LYS A 46 -6.12 -10.19 21.04
CA LYS A 46 -7.31 -10.50 20.26
C LYS A 46 -7.29 -9.72 18.94
N TYR A 47 -6.43 -10.18 18.05
CA TYR A 47 -6.25 -9.52 16.76
C TYR A 47 -7.55 -9.54 15.95
N PRO A 48 -8.04 -8.40 15.49
CA PRO A 48 -9.27 -8.37 14.68
C PRO A 48 -9.02 -8.96 13.30
N PRO A 49 -9.67 -10.06 12.94
CA PRO A 49 -9.30 -10.76 11.68
C PRO A 49 -9.46 -9.94 10.42
N LYS A 50 -10.61 -9.29 10.23
CA LYS A 50 -10.83 -8.55 8.99
C LYS A 50 -9.93 -7.32 8.90
N GLU A 51 -9.81 -6.57 9.99
CA GLU A 51 -8.93 -5.39 9.97
C GLU A 51 -7.47 -5.78 9.79
N CYS A 52 -7.07 -6.90 10.39
CA CYS A 52 -5.68 -7.35 10.25
C CYS A 52 -5.40 -7.80 8.84
N CYS A 53 -6.30 -8.59 8.25
CA CYS A 53 -6.12 -9.00 6.86
C CYS A 53 -6.09 -7.80 5.93
N GLY A 54 -7.01 -6.84 6.12
CA GLY A 54 -7.04 -5.69 5.25
C GLY A 54 -5.75 -4.88 5.32
N ALA A 55 -5.21 -4.69 6.52
CA ALA A 55 -3.98 -3.93 6.67
C ALA A 55 -2.80 -4.66 6.03
N PHE A 56 -2.77 -5.98 6.19
CA PHE A 56 -1.73 -6.79 5.56
C PHE A 56 -1.79 -6.70 4.04
N LYS A 57 -3.00 -6.81 3.46
CA LYS A 57 -3.16 -6.64 2.01
C LYS A 57 -2.76 -5.24 1.58
N ASP A 58 -3.16 -4.22 2.36
CA ASP A 58 -2.78 -2.85 2.01
C ASP A 58 -1.26 -2.68 2.01
N PHE A 59 -0.57 -3.37 2.91
CA PHE A 59 0.89 -3.32 2.98
C PHE A 59 1.53 -4.12 1.84
N ALA A 60 1.01 -5.31 1.57
CA ALA A 60 1.74 -6.32 0.82
C ALA A 60 1.31 -6.41 -0.63
N CYS A 61 0.06 -6.10 -0.94
CA CYS A 61 -0.41 -6.20 -2.31
C CYS A 61 0.38 -5.36 -3.32
N PRO A 62 0.96 -4.22 -2.98
CA PRO A 62 1.81 -3.53 -3.98
C PRO A 62 3.02 -4.34 -4.40
N TYR A 63 3.33 -5.44 -3.71
CA TYR A 63 4.56 -6.18 -3.96
C TYR A 63 4.32 -7.60 -4.44
N THR A 64 3.11 -7.88 -4.95
CA THR A 64 2.84 -9.24 -5.42
C THR A 64 3.81 -9.67 -6.53
N ASP A 65 4.25 -8.74 -7.38
CA ASP A 65 5.21 -9.10 -8.41
C ASP A 65 6.42 -9.78 -7.80
N GLN A 66 6.97 -9.18 -6.74
CA GLN A 66 8.18 -9.70 -6.13
C GLN A 66 7.88 -10.84 -5.17
N LEU A 67 6.77 -10.73 -4.42
CA LEU A 67 6.41 -11.78 -3.48
C LEU A 67 6.12 -13.09 -4.20
N ASN A 68 5.53 -13.01 -5.39
CA ASN A 68 5.17 -14.20 -6.17
C ASN A 68 6.28 -14.65 -7.10
N ASP A 69 7.47 -14.10 -6.95
CA ASP A 69 8.66 -14.68 -7.57
C ASP A 69 9.10 -15.81 -6.67
N LEU A 70 8.71 -17.04 -7.05
CA LEU A 70 8.94 -18.21 -6.22
C LEU A 70 10.41 -18.57 -6.11
N SER A 71 11.26 -18.01 -6.97
CA SER A 71 12.69 -18.23 -6.93
C SER A 71 13.43 -17.28 -5.99
N SER A 72 12.72 -16.34 -5.39
CA SER A 72 13.31 -15.35 -4.50
C SER A 72 12.88 -15.60 -3.07
N ASP A 73 13.56 -14.93 -2.14
CA ASP A 73 13.22 -15.00 -0.73
C ASP A 73 12.32 -13.84 -0.29
N CYS A 74 11.62 -13.20 -1.23
CA CYS A 74 10.82 -12.02 -0.88
C CYS A 74 9.74 -12.35 0.13
N ALA A 75 8.98 -13.43 -0.10
CA ALA A 75 7.86 -13.74 0.79
C ALA A 75 8.35 -14.08 2.20
N THR A 76 9.32 -14.98 2.32
CA THR A 76 9.82 -15.34 3.65
C THR A 76 10.45 -14.13 4.34
N THR A 77 11.15 -13.28 3.61
CA THR A 77 11.74 -12.09 4.20
C THR A 77 10.65 -11.14 4.71
N MET A 78 9.61 -10.91 3.90
CA MET A 78 8.54 -10.02 4.33
C MET A 78 7.87 -10.52 5.61
N PHE A 79 7.49 -11.79 5.63
CA PHE A 79 6.84 -12.33 6.82
C PHE A 79 7.76 -12.27 8.03
N SER A 80 9.07 -12.48 7.83
CA SER A 80 9.99 -12.42 8.96
C SER A 80 9.99 -11.03 9.59
N TYR A 81 9.93 -9.98 8.77
CA TYR A 81 9.94 -8.63 9.32
C TYR A 81 8.58 -8.18 9.85
N ILE A 82 7.49 -8.56 9.18
CA ILE A 82 6.17 -8.29 9.75
C ILE A 82 6.09 -8.86 11.15
N ASN A 83 6.50 -10.12 11.30
CA ASN A 83 6.31 -10.80 12.57
C ASN A 83 7.27 -10.27 13.62
N LEU A 84 8.48 -9.88 13.22
CA LEU A 84 9.45 -9.32 14.14
C LEU A 84 9.01 -7.95 14.65
N TYR A 85 8.71 -7.03 13.73
CA TYR A 85 8.39 -5.67 14.14
C TYR A 85 7.03 -5.58 14.83
N GLY A 86 6.09 -6.46 14.47
CA GLY A 86 4.76 -6.38 15.03
C GLY A 86 4.48 -7.36 16.15
N LYS A 87 5.45 -8.24 16.42
CA LYS A 87 5.30 -9.30 17.41
C LYS A 87 4.10 -10.18 17.12
N TYR A 88 3.96 -10.60 15.85
CA TYR A 88 2.80 -11.37 15.44
C TYR A 88 3.16 -12.85 15.35
N PRO A 89 2.22 -13.73 15.72
CA PRO A 89 2.43 -15.15 15.52
C PRO A 89 2.64 -15.46 14.05
N PRO A 90 3.54 -16.38 13.72
CA PRO A 90 3.73 -16.76 12.32
C PRO A 90 2.44 -17.37 11.77
N GLY A 91 2.09 -16.98 10.54
CA GLY A 91 0.88 -17.43 9.90
C GLY A 91 -0.39 -16.69 10.30
N LEU A 92 -0.31 -15.76 11.16
CA LEU A 92 -1.50 -15.02 11.61
C LEU A 92 -2.27 -14.44 10.41
N PHE A 93 -1.56 -13.63 9.60
CA PHE A 93 -2.24 -12.94 8.50
C PHE A 93 -2.71 -13.91 7.44
N ALA A 94 -1.89 -14.91 7.11
CA ALA A 94 -2.33 -15.95 6.20
C ALA A 94 -3.61 -16.61 6.70
N ASN A 95 -3.66 -16.95 7.99
CA ASN A 95 -4.85 -17.60 8.56
C ASN A 95 -6.04 -16.65 8.53
N GLN A 96 -5.85 -15.41 8.99
CA GLN A 96 -6.96 -14.47 9.04
C GLN A 96 -7.52 -14.19 7.65
N CYS A 97 -6.65 -13.99 6.66
CA CYS A 97 -7.15 -13.69 5.32
C CYS A 97 -7.85 -14.90 4.73
N LYS A 98 -7.34 -16.10 4.98
CA LYS A 98 -8.00 -17.30 4.46
C LYS A 98 -9.35 -17.49 5.11
N GLU A 99 -9.54 -16.97 6.33
CA GLU A 99 -10.86 -16.96 6.95
C GLU A 99 -11.82 -15.97 6.31
N GLY A 100 -11.30 -14.97 5.62
CA GLY A 100 -12.14 -13.94 5.04
C GLY A 100 -12.72 -14.34 3.70
N LYS A 101 -13.70 -13.52 3.28
CA LYS A 101 -14.41 -13.79 2.03
C LYS A 101 -13.45 -13.82 0.84
N GLU A 102 -12.44 -12.95 0.84
CA GLU A 102 -11.54 -12.81 -0.30
C GLU A 102 -10.31 -13.69 -0.20
N GLY A 103 -10.19 -14.50 0.85
CA GLY A 103 -9.00 -15.33 0.99
C GLY A 103 -7.76 -14.46 0.99
N LEU A 104 -6.71 -14.94 0.31
CA LEU A 104 -5.46 -14.21 0.17
C LEU A 104 -5.39 -13.40 -1.13
N GLU A 105 -6.54 -13.17 -1.77
CA GLU A 105 -6.56 -12.44 -3.03
C GLU A 105 -6.49 -10.94 -2.82
N CYS A 106 -5.57 -10.30 -3.53
CA CYS A 106 -5.50 -8.84 -3.56
C CYS A 106 -6.66 -8.30 -4.41
N PRO A 107 -7.17 -7.11 -4.08
CA PRO A 107 -8.33 -6.60 -4.82
C PRO A 107 -8.08 -6.43 -6.30
N ALA A 108 -6.85 -6.16 -6.72
CA ALA A 108 -6.51 -6.09 -8.14
C ALA A 108 -6.40 -7.46 -8.80
N GLY A 109 -6.51 -8.56 -8.06
CA GLY A 109 -6.63 -9.89 -8.63
C GLY A 109 -5.52 -10.86 -8.28
N SER A 110 -4.33 -10.39 -7.92
CA SER A 110 -3.25 -11.33 -7.65
C SER A 110 -3.39 -11.92 -6.26
N GLN A 111 -2.69 -13.04 -6.04
CA GLN A 111 -2.76 -13.79 -4.78
C GLN A 111 -1.50 -13.52 -3.98
N LEU A 112 -1.67 -13.28 -2.65
CA LEU A 112 -0.51 -13.19 -1.78
C LEU A 112 -0.11 -14.58 -1.30
N PRO A 113 1.20 -14.87 -1.20
CA PRO A 113 1.61 -16.17 -0.72
C PRO A 113 1.27 -16.35 0.75
N PRO A 114 0.99 -17.57 1.19
CA PRO A 114 0.74 -17.80 2.61
C PRO A 114 2.00 -17.87 3.44
N GLU A 115 3.16 -18.05 2.83
CA GLU A 115 4.40 -18.18 3.60
C GLU A 115 5.63 -17.79 2.78
N LYS B 23 -10.65 22.94 8.71
CA LYS B 23 -10.46 21.53 8.66
C LYS B 23 -9.53 21.02 9.74
N LYS B 24 -9.82 19.85 10.24
CA LYS B 24 -8.95 19.23 11.19
C LYS B 24 -7.72 18.58 10.56
N THR B 25 -6.63 18.61 11.28
CA THR B 25 -5.38 18.02 10.84
C THR B 25 -5.58 16.53 10.60
N CYS B 26 -5.08 16.03 9.49
CA CYS B 26 -5.22 14.65 9.17
C CYS B 26 -4.58 13.73 10.18
N PRO B 27 -5.32 12.75 10.61
CA PRO B 27 -4.81 11.73 11.53
C PRO B 27 -3.84 10.78 10.88
N VAL B 28 -3.82 10.66 9.56
CA VAL B 28 -2.82 9.86 8.91
C VAL B 28 -1.60 10.81 8.79
N ASN B 29 -0.46 10.40 9.29
CA ASN B 29 0.73 11.26 9.31
C ASN B 29 1.54 11.20 8.04
N PHE B 30 0.96 11.79 6.99
CA PHE B 30 1.54 11.80 5.65
C PHE B 30 2.93 12.40 5.56
N GLU B 31 3.24 13.37 6.41
CA GLU B 31 4.55 13.98 6.41
C GLU B 31 5.69 12.97 6.62
N PHE B 32 5.49 11.95 7.43
CA PHE B 32 6.50 11.00 7.80
C PHE B 32 6.41 9.58 7.21
N MET B 33 5.58 9.42 6.21
CA MET B 33 5.38 8.14 5.56
C MET B 33 6.49 7.89 4.55
N ASN B 34 6.49 6.68 4.03
CA ASN B 34 7.52 6.23 3.12
C ASN B 34 6.97 6.27 1.70
N TYR B 35 7.56 7.12 0.87
CA TYR B 35 7.08 7.38 -0.48
C TYR B 35 7.84 6.58 -1.54
N THR B 36 8.71 5.65 -1.12
CA THR B 36 9.59 4.97 -2.07
C THR B 36 8.80 4.11 -3.06
N ILE B 37 7.65 3.59 -2.67
CA ILE B 37 6.85 2.82 -3.62
C ILE B 37 6.53 3.67 -4.86
N ILE B 38 6.31 4.98 -4.66
CA ILE B 38 6.05 5.86 -5.80
C ILE B 38 7.35 6.29 -6.47
N THR B 39 8.32 6.82 -5.69
CA THR B 39 9.50 7.42 -6.30
C THR B 39 10.38 6.40 -7.02
N SER B 40 10.38 5.14 -6.54
CA SER B 40 11.18 4.10 -7.19
C SER B 40 10.56 3.65 -8.51
N LYS B 41 9.23 3.75 -8.66
CA LYS B 41 8.55 3.29 -9.86
C LYS B 41 8.18 4.38 -10.85
N CYS B 42 8.18 5.63 -10.42
CA CYS B 42 7.64 6.73 -11.21
C CYS B 42 8.71 7.80 -11.35
N LYS B 43 9.50 7.73 -12.41
CA LYS B 43 10.63 8.63 -12.58
C LYS B 43 10.42 9.46 -13.83
N GLY B 44 10.78 10.74 -13.74
CA GLY B 44 10.65 11.68 -14.84
C GLY B 44 11.91 11.93 -15.64
N PRO B 45 11.82 12.81 -16.64
CA PRO B 45 10.64 13.65 -16.89
C PRO B 45 9.53 12.94 -17.69
N LYS B 46 9.85 11.83 -18.35
CA LYS B 46 8.83 11.06 -19.07
C LYS B 46 8.22 10.01 -18.14
N TYR B 47 7.38 10.50 -17.24
CA TYR B 47 6.74 9.64 -16.25
C TYR B 47 5.87 8.59 -16.91
N PRO B 48 6.07 7.31 -16.63
CA PRO B 48 5.21 6.26 -17.23
C PRO B 48 3.81 6.30 -16.65
N PRO B 49 2.78 6.58 -17.45
CA PRO B 49 1.43 6.82 -16.87
C PRO B 49 0.86 5.65 -16.09
N LYS B 50 0.89 4.44 -16.65
CA LYS B 50 0.26 3.31 -15.96
C LYS B 50 1.04 2.93 -14.71
N GLU B 51 2.37 2.87 -14.80
CA GLU B 51 3.17 2.53 -13.63
C GLU B 51 3.05 3.59 -12.54
N CYS B 52 2.97 4.86 -12.94
CA CYS B 52 2.85 5.93 -11.96
C CYS B 52 1.49 5.88 -11.28
N CYS B 53 0.41 5.70 -12.05
CA CYS B 53 -0.91 5.57 -11.45
C CYS B 53 -0.98 4.37 -10.52
N GLY B 54 -0.43 3.22 -10.95
CA GLY B 54 -0.48 2.04 -10.10
C GLY B 54 0.25 2.24 -8.78
N ALA B 55 1.43 2.88 -8.83
CA ALA B 55 2.19 3.11 -7.61
C ALA B 55 1.47 4.07 -6.67
N PHE B 56 0.84 5.10 -7.25
CA PHE B 56 0.06 6.05 -6.47
C PHE B 56 -1.13 5.36 -5.79
N LYS B 57 -1.87 4.51 -6.53
CA LYS B 57 -2.97 3.75 -5.94
C LYS B 57 -2.45 2.81 -4.85
N ASP B 58 -1.31 2.15 -5.11
CA ASP B 58 -0.75 1.26 -4.10
C ASP B 58 -0.40 2.02 -2.82
N PHE B 59 0.07 3.27 -2.97
CA PHE B 59 0.39 4.10 -1.82
C PHE B 59 -0.86 4.61 -1.11
N ALA B 60 -1.85 5.06 -1.89
CA ALA B 60 -2.91 5.92 -1.38
C ALA B 60 -4.20 5.18 -1.09
N CYS B 61 -4.48 4.12 -1.83
CA CYS B 61 -5.72 3.38 -1.62
C CYS B 61 -5.93 2.87 -0.20
N PRO B 62 -4.91 2.52 0.59
CA PRO B 62 -5.18 2.14 1.98
C PRO B 62 -5.78 3.26 2.81
N TYR B 63 -5.79 4.49 2.30
CA TYR B 63 -6.19 5.65 3.09
C TYR B 63 -7.42 6.34 2.53
N THR B 64 -8.21 5.65 1.70
CA THR B 64 -9.41 6.28 1.14
C THR B 64 -10.37 6.74 2.24
N ASP B 65 -10.46 5.99 3.36
CA ASP B 65 -11.33 6.43 4.44
C ASP B 65 -11.00 7.85 4.85
N GLN B 66 -9.72 8.15 5.05
CA GLN B 66 -9.31 9.46 5.53
C GLN B 66 -9.25 10.46 4.38
N LEU B 67 -8.77 10.03 3.22
CA LEU B 67 -8.66 10.93 2.07
C LEU B 67 -10.04 11.42 1.63
N ASN B 68 -11.06 10.58 1.74
CA ASN B 68 -12.41 10.91 1.34
C ASN B 68 -13.23 11.53 2.45
N ASP B 69 -12.59 11.90 3.56
CA ASP B 69 -13.22 12.76 4.55
C ASP B 69 -13.07 14.17 4.03
N LEU B 70 -14.12 14.68 3.40
CA LEU B 70 -14.09 15.97 2.73
C LEU B 70 -13.96 17.13 3.70
N SER B 71 -14.18 16.89 4.99
CA SER B 71 -14.03 17.91 6.02
C SER B 71 -12.61 18.00 6.56
N SER B 72 -11.71 17.15 6.11
CA SER B 72 -10.33 17.12 6.57
C SER B 72 -9.40 17.60 5.48
N ASP B 73 -8.14 17.86 5.88
CA ASP B 73 -7.12 18.25 4.93
C ASP B 73 -6.26 17.07 4.49
N CYS B 74 -6.77 15.84 4.62
CA CYS B 74 -5.96 14.66 4.31
C CYS B 74 -5.51 14.65 2.85
N ALA B 75 -6.44 14.89 1.92
CA ALA B 75 -6.09 14.80 0.50
C ALA B 75 -5.06 15.87 0.11
N THR B 76 -5.32 17.13 0.47
CA THR B 76 -4.35 18.19 0.12
C THR B 76 -3.00 17.95 0.79
N THR B 77 -3.00 17.48 2.03
CA THR B 77 -1.74 17.18 2.70
C THR B 77 -0.98 16.06 1.99
N MET B 78 -1.67 14.98 1.62
CA MET B 78 -1.01 13.87 0.93
C MET B 78 -0.39 14.34 -0.38
N PHE B 79 -1.15 15.04 -1.20
CA PHE B 79 -0.61 15.50 -2.47
C PHE B 79 0.56 16.45 -2.27
N SER B 80 0.51 17.29 -1.23
CA SER B 80 1.61 18.21 -0.99
C SER B 80 2.91 17.46 -0.69
N TYR B 81 2.83 16.35 0.04
CA TYR B 81 4.04 15.60 0.35
C TYR B 81 4.48 14.70 -0.79
N ILE B 82 3.54 14.07 -1.50
CA ILE B 82 3.92 13.33 -2.70
C ILE B 82 4.73 14.23 -3.63
N ASN B 83 4.20 15.42 -3.88
CA ASN B 83 4.81 16.28 -4.88
C ASN B 83 6.12 16.86 -4.39
N LEU B 84 6.21 17.13 -3.08
CA LEU B 84 7.45 17.65 -2.50
C LEU B 84 8.56 16.60 -2.54
N TYR B 85 8.29 15.42 -1.98
CA TYR B 85 9.33 14.41 -1.87
C TYR B 85 9.70 13.82 -3.22
N GLY B 86 8.76 13.77 -4.17
CA GLY B 86 9.02 13.14 -5.45
C GLY B 86 9.33 14.12 -6.57
N LYS B 87 9.20 15.41 -6.27
CA LYS B 87 9.38 16.47 -7.27
C LYS B 87 8.44 16.29 -8.46
N TYR B 88 7.12 16.19 -8.16
CA TYR B 88 6.08 15.99 -9.19
C TYR B 88 5.25 17.26 -9.51
N PRO B 89 4.91 17.44 -10.79
CA PRO B 89 4.15 18.61 -11.17
C PRO B 89 2.71 18.53 -10.69
N PRO B 90 2.06 19.63 -10.47
CA PRO B 90 0.70 19.56 -10.02
C PRO B 90 -0.19 18.78 -10.99
N GLY B 91 -1.06 17.95 -10.45
CA GLY B 91 -2.03 17.19 -11.19
C GLY B 91 -1.49 16.00 -11.94
N LEU B 92 -0.29 15.58 -11.62
CA LEU B 92 0.28 14.47 -12.36
C LEU B 92 -0.53 13.19 -12.32
N PHE B 93 -0.99 12.81 -11.14
CA PHE B 93 -1.69 11.55 -10.99
C PHE B 93 -3.02 11.43 -11.66
N ALA B 94 -3.79 12.50 -11.64
CA ALA B 94 -5.03 12.53 -12.38
C ALA B 94 -4.75 12.36 -13.84
N ASN B 95 -3.74 13.02 -14.38
CA ASN B 95 -3.39 12.84 -15.79
C ASN B 95 -2.85 11.45 -16.14
N GLN B 96 -1.93 10.96 -15.34
CA GLN B 96 -1.37 9.64 -15.59
C GLN B 96 -2.36 8.53 -15.52
N CYS B 97 -3.31 8.65 -14.63
CA CYS B 97 -4.38 7.64 -14.49
C CYS B 97 -5.41 7.58 -15.65
N LYS B 98 -5.40 8.55 -16.55
CA LYS B 98 -6.24 8.56 -17.75
C LYS B 98 -5.96 7.46 -18.74
N GLU B 99 -4.73 7.01 -18.83
CA GLU B 99 -4.34 5.99 -19.80
C GLU B 99 -4.99 4.69 -19.55
N GLY B 100 -5.19 4.34 -18.31
CA GLY B 100 -5.83 3.06 -17.98
C GLY B 100 -7.34 3.05 -18.06
N LYS B 101 -7.95 1.92 -17.92
CA LYS B 101 -9.38 1.85 -17.86
C LYS B 101 -9.93 2.23 -16.51
N GLU B 102 -9.11 2.19 -15.47
CA GLU B 102 -9.60 2.34 -14.11
C GLU B 102 -9.73 3.74 -13.52
N GLY B 103 -9.21 4.74 -14.21
CA GLY B 103 -9.28 6.07 -13.73
C GLY B 103 -8.64 6.19 -12.35
N LEU B 104 -9.35 6.87 -11.47
CA LEU B 104 -8.93 7.06 -10.09
C LEU B 104 -9.57 6.09 -9.09
N GLU B 105 -10.29 5.03 -9.55
CA GLU B 105 -10.91 4.01 -8.70
C GLU B 105 -9.86 3.06 -8.12
N CYS B 106 -9.92 2.85 -6.81
CA CYS B 106 -9.10 1.84 -6.16
C CYS B 106 -9.67 0.46 -6.47
N PRO B 107 -8.83 -0.56 -6.54
CA PRO B 107 -9.33 -1.90 -6.92
C PRO B 107 -10.39 -2.44 -5.99
N ALA B 108 -10.36 -2.07 -4.70
CA ALA B 108 -11.41 -2.46 -3.78
C ALA B 108 -12.70 -1.67 -3.94
N GLY B 109 -12.74 -0.66 -4.80
CA GLY B 109 -13.97 0.00 -5.17
C GLY B 109 -14.06 1.49 -4.85
N SER B 110 -13.28 1.98 -3.88
CA SER B 110 -13.43 3.37 -3.52
C SER B 110 -12.66 4.26 -4.51
N GLN B 111 -12.95 5.55 -4.42
CA GLN B 111 -12.34 6.56 -5.28
C GLN B 111 -11.30 7.44 -4.60
N LEU B 112 -10.25 7.78 -5.30
CA LEU B 112 -9.28 8.71 -4.77
C LEU B 112 -9.57 10.08 -5.39
N PRO B 113 -9.51 11.10 -4.57
CA PRO B 113 -9.72 12.45 -5.04
C PRO B 113 -8.52 12.92 -5.84
N PRO B 114 -8.78 13.75 -6.81
CA PRO B 114 -7.70 14.39 -7.55
C PRO B 114 -7.16 15.53 -6.69
N GLU B 115 -5.95 15.92 -6.97
CA GLU B 115 -5.35 17.03 -6.28
C GLU B 115 -6.19 18.33 -6.54
C1 NAG C . 5.96 5.28 9.48
C2 NAG C . 7.02 6.25 10.05
C3 NAG C . 6.42 7.15 11.14
C4 NAG C . 5.11 7.78 10.69
C5 NAG C . 4.18 6.68 10.22
C6 NAG C . 2.86 7.23 9.74
C7 NAG C . 9.38 5.50 10.10
C8 NAG C . 10.39 4.70 10.86
N2 NAG C . 8.14 5.50 10.61
O3 NAG C . 7.37 8.18 11.44
O4 NAG C . 4.52 8.52 11.75
O5 NAG C . 4.78 6.01 9.11
O6 NAG C . 1.96 6.17 9.41
O7 NAG C . 9.67 6.11 9.08
C1 FUC C . 7.85 8.16 12.80
C2 FUC C . 9.26 8.76 12.74
C3 FUC C . 9.21 10.24 12.33
C4 FUC C . 8.28 11.01 13.26
C5 FUC C . 6.90 10.31 13.29
C6 FUC C . 5.95 10.94 14.28
O2 FUC C . 10.11 8.05 11.85
O3 FUC C . 10.52 10.83 12.46
O4 FUC C . 8.83 11.05 14.57
O5 FUC C . 7.01 8.90 13.65
C1 FUC C . 0.75 6.79 8.92
C2 FUC C . -0.13 5.64 8.41
C3 FUC C . -0.59 4.77 9.59
C4 FUC C . -1.29 5.64 10.63
C5 FUC C . -0.34 6.75 11.07
C6 FUC C . -0.92 7.74 12.08
O2 FUC C . 0.58 4.89 7.46
O3 FUC C . -1.52 3.81 9.10
O4 FUC C . -2.45 6.21 10.06
O5 FUC C . 0.09 7.54 9.93
C1 NAG D . 11.38 3.35 2.74
C2 NAG D . 12.57 3.51 3.71
C3 NAG D . 13.85 2.92 3.12
C4 NAG D . 13.62 1.54 2.52
C5 NAG D . 12.46 1.60 1.55
C6 NAG D . 12.16 0.26 0.95
C7 NAG D . 12.58 5.43 5.27
C8 NAG D . 12.91 6.89 5.40
N2 NAG D . 12.78 4.91 4.05
O3 NAG D . 14.84 2.86 4.14
O4 NAG D . 14.79 1.06 1.87
O5 NAG D . 11.29 2.00 2.28
O6 NAG D . 11.14 0.36 -0.04
O7 NAG D . 12.15 4.78 6.21
C1 FUC D . 16.01 3.66 3.90
C2 FUC D . 16.54 4.04 5.29
C3 FUC D . 17.05 2.80 6.03
C4 FUC D . 18.06 2.05 5.19
C5 FUC D . 17.46 1.76 3.79
C6 FUC D . 18.45 1.13 2.84
O2 FUC D . 15.56 4.70 6.08
O3 FUC D . 17.70 3.17 7.26
O4 FUC D . 19.24 2.83 5.04
O5 FUC D . 16.97 2.96 3.15
C1 FUC D . 10.89 -0.97 -0.53
C2 FUC D . 9.68 -0.85 -1.46
C3 FUC D . 10.05 -0.04 -2.72
C4 FUC D . 11.26 -0.68 -3.39
C5 FUC D . 12.42 -0.76 -2.38
C6 FUC D . 13.68 -1.43 -2.91
O2 FUC D . 8.61 -0.26 -0.77
O3 FUC D . 8.96 -0.09 -3.62
O4 FUC D . 10.93 -1.99 -3.83
O5 FUC D . 12.01 -1.51 -1.21
#